data_1AL6
#
_entry.id   1AL6
#
_cell.length_a   104.430
_cell.length_b   78.480
_cell.length_c   58.450
_cell.angle_alpha   90.00
_cell.angle_beta   78.89
_cell.angle_gamma   90.00
#
_symmetry.space_group_name_H-M   'C 1 2 1'
#
loop_
_entity.id
_entity.type
_entity.pdbx_description
1 polymer 'CITRATE SYNTHASE'
2 non-polymer 'OXALOACETATE ION'
3 non-polymer 'N-HYDROXYAMIDOCARBOXYMETHYLDETHIA COENZYME *A'
4 water water
#
_entity_poly.entity_id   1
_entity_poly.type   'polypeptide(L)'
_entity_poly.pdbx_seq_one_letter_code
;ASSTNLKDVLASLIPKEQARIKTFRQQHGNTAVGQITVDMSYGGMRGMKGLIYETSVLDPDEGIRFRGFSIPECQKLLPK
AGGGEEPLPEGLFWLLVTGQIPTPEQVSWVSKEWAKRAALPSHVVTMLDNFPTNLHPMSQLSAAITALNSESNFARAYAE
GINRTKYWEFVYEDAMDLIAKLPCVAAKIYRNLYRAGSSIGAIDSKLDWSHNFTNMLGYTDPQFTELMRLYLTIHSDHEG
GNVSAHTSHLVGSALSDPYLSFAAAMNGLAGPLHGLANQEVLLWLSQLQKDLGADASDEKLRDYIWNTLNSGRVVPGYGH
AVLRKTDPRYTCQREFALKHLPSDPMFKLVAQLYKIVPNVLLEQGKAKNPWPNVDAHSGVLLQYYGMTEMNYYTVLFGVS
RALGVLAQLIWSRALGFPLERPKSMSTAGLEKLSAGG
;
_entity_poly.pdbx_strand_id   A
#
# COMPACT_ATOMS: atom_id res chain seq x y z
N SER A 3 10.53 27.86 6.25
CA SER A 3 10.32 27.72 7.69
C SER A 3 9.95 26.31 8.07
N THR A 4 9.14 25.64 7.24
CA THR A 4 8.85 24.25 7.51
C THR A 4 9.91 23.40 6.82
N ASN A 5 10.42 22.41 7.55
CA ASN A 5 11.41 21.52 7.00
C ASN A 5 11.38 20.22 7.77
N LEU A 6 10.75 19.19 7.17
CA LEU A 6 10.63 17.85 7.78
C LEU A 6 11.98 17.28 8.17
N LYS A 7 12.94 17.53 7.30
CA LYS A 7 14.27 17.04 7.60
C LYS A 7 14.82 17.54 8.93
N ASP A 8 14.58 18.83 9.26
CA ASP A 8 15.04 19.39 10.54
C ASP A 8 14.24 18.79 11.70
N VAL A 9 12.97 18.53 11.45
CA VAL A 9 12.16 17.94 12.50
C VAL A 9 12.68 16.56 12.84
N LEU A 10 12.91 15.78 11.80
CA LEU A 10 13.43 14.45 12.05
C LEU A 10 14.79 14.46 12.77
N ALA A 11 15.62 15.47 12.45
CA ALA A 11 16.95 15.60 13.05
C ALA A 11 16.88 15.72 14.56
N SER A 12 15.77 16.25 15.02
CA SER A 12 15.61 16.38 16.44
C SER A 12 15.05 15.10 17.06
N LEU A 13 14.07 14.51 16.35
CA LEU A 13 13.32 13.32 16.76
C LEU A 13 14.23 12.07 16.85
N ILE A 14 15.08 11.90 15.88
CA ILE A 14 15.97 10.71 15.79
C ILE A 14 16.76 10.35 17.04
N PRO A 15 17.50 11.30 17.58
CA PRO A 15 18.31 11.01 18.73
C PRO A 15 17.53 10.63 19.97
N LYS A 16 16.33 11.16 20.12
CA LYS A 16 15.54 10.82 21.28
C LYS A 16 15.07 9.37 21.17
N GLU A 17 14.62 8.99 19.99
CA GLU A 17 14.14 7.62 19.80
C GLU A 17 15.26 6.63 19.95
N GLN A 18 16.43 6.98 19.43
CA GLN A 18 17.56 6.12 19.59
C GLN A 18 17.76 5.77 21.05
N ALA A 19 17.84 6.84 21.87
CA ALA A 19 18.10 6.68 23.30
C ALA A 19 17.05 5.81 23.98
N ARG A 20 15.82 6.09 23.64
CA ARG A 20 14.71 5.37 24.16
C ARG A 20 14.73 3.91 23.80
N ILE A 21 15.10 3.60 22.59
CA ILE A 21 15.13 2.21 22.29
C ILE A 21 16.30 1.54 22.97
N LYS A 22 17.38 2.28 23.05
CA LYS A 22 18.62 1.81 23.68
C LYS A 22 18.36 1.33 25.10
N THR A 23 17.78 2.21 25.89
CA THR A 23 17.47 1.89 27.26
C THR A 23 16.50 0.74 27.38
N PHE A 24 15.49 0.72 26.53
CA PHE A 24 14.53 -0.34 26.58
C PHE A 24 15.18 -1.67 26.37
N ARG A 25 16.04 -1.73 25.40
CA ARG A 25 16.66 -2.98 25.11
C ARG A 25 17.59 -3.36 26.21
N GLN A 26 18.09 -2.34 26.88
CA GLN A 26 19.01 -2.54 27.97
C GLN A 26 18.28 -3.37 29.01
N GLN A 27 17.09 -2.93 29.30
CA GLN A 27 16.28 -3.59 30.30
C GLN A 27 15.51 -4.83 29.82
N HIS A 28 15.06 -4.89 28.56
CA HIS A 28 14.21 -6.00 28.14
C HIS A 28 14.62 -6.81 26.93
N GLY A 29 15.80 -6.54 26.42
CA GLY A 29 16.27 -7.25 25.23
C GLY A 29 16.10 -8.77 25.29
N ASN A 30 16.26 -9.30 26.49
CA ASN A 30 16.17 -10.75 26.64
C ASN A 30 14.80 -11.23 27.06
N THR A 31 13.88 -10.33 27.15
CA THR A 31 12.54 -10.74 27.50
C THR A 31 11.86 -11.43 26.30
N ALA A 32 11.22 -12.56 26.57
CA ALA A 32 10.54 -13.29 25.51
C ALA A 32 9.13 -12.77 25.32
N VAL A 33 8.77 -12.55 24.05
CA VAL A 33 7.48 -12.01 23.68
C VAL A 33 6.61 -13.06 23.04
N GLY A 34 7.19 -14.24 22.82
CA GLY A 34 6.46 -15.30 22.14
C GLY A 34 7.29 -16.53 21.90
N GLN A 35 6.62 -17.55 21.39
CA GLN A 35 7.27 -18.82 21.07
C GLN A 35 7.05 -19.16 19.60
N ILE A 36 7.91 -20.02 19.06
CA ILE A 36 7.75 -20.47 17.68
C ILE A 36 7.38 -21.95 17.67
N THR A 37 6.32 -22.29 16.94
CA THR A 37 5.94 -23.69 16.84
C THR A 37 6.11 -24.17 15.42
N VAL A 38 6.09 -25.47 15.27
CA VAL A 38 6.23 -26.10 13.97
C VAL A 38 5.21 -25.57 12.99
N ASP A 39 3.98 -25.45 13.44
CA ASP A 39 2.95 -24.96 12.58
C ASP A 39 3.17 -23.53 12.15
N MET A 40 3.83 -22.71 12.96
CA MET A 40 4.05 -21.32 12.51
C MET A 40 5.03 -21.24 11.37
N SER A 41 6.04 -22.09 11.46
CA SER A 41 7.10 -22.19 10.48
C SER A 41 6.59 -22.72 9.15
N TYR A 42 5.67 -23.67 9.21
CA TYR A 42 5.09 -24.24 8.03
C TYR A 42 4.04 -23.31 7.48
N GLY A 43 3.53 -22.48 8.40
CA GLY A 43 2.40 -21.56 8.04
C GLY A 43 2.71 -20.12 7.68
N GLY A 44 3.86 -19.87 7.08
CA GLY A 44 4.17 -18.51 6.65
C GLY A 44 4.20 -17.51 7.83
N MET A 45 4.77 -18.00 8.93
CA MET A 45 4.95 -17.24 10.16
C MET A 45 3.68 -16.72 10.75
N ARG A 46 2.57 -17.35 10.40
CA ARG A 46 1.33 -16.80 10.90
C ARG A 46 1.36 -16.73 12.41
N GLY A 47 1.04 -15.55 12.93
CA GLY A 47 1.01 -15.37 14.37
C GLY A 47 2.38 -15.14 15.01
N MET A 48 3.42 -15.05 14.20
CA MET A 48 4.72 -14.78 14.77
C MET A 48 5.03 -13.28 14.88
N LYS A 49 5.40 -12.86 16.10
CA LYS A 49 5.78 -11.44 16.26
C LYS A 49 7.17 -11.34 15.75
N GLY A 50 7.37 -10.82 14.53
CA GLY A 50 8.74 -10.85 14.02
C GLY A 50 9.41 -9.56 13.65
N LEU A 51 8.72 -8.44 13.56
CA LEU A 51 9.45 -7.24 13.15
C LEU A 51 9.03 -6.05 13.93
N ILE A 52 9.92 -5.05 13.95
CA ILE A 52 9.60 -3.79 14.55
C ILE A 52 9.28 -2.87 13.39
N TYR A 53 8.13 -2.25 13.42
CA TYR A 53 7.72 -1.35 12.35
C TYR A 53 6.92 -0.25 13.04
N GLU A 54 7.42 0.97 13.00
CA GLU A 54 6.85 2.03 13.78
C GLU A 54 5.63 2.78 13.29
N THR A 55 5.50 2.88 11.99
CA THR A 55 4.50 3.74 11.38
C THR A 55 3.04 3.41 11.61
N SER A 56 2.73 2.13 11.65
CA SER A 56 1.33 1.72 11.87
C SER A 56 1.30 0.34 12.49
N VAL A 57 0.20 0.08 13.17
CA VAL A 57 0.04 -1.19 13.87
C VAL A 57 -1.36 -1.71 13.62
N LEU A 58 -1.49 -2.97 13.24
CA LEU A 58 -2.82 -3.47 12.95
C LEU A 58 -3.38 -4.30 14.10
N ASP A 59 -4.59 -3.97 14.51
CA ASP A 59 -5.29 -4.74 15.51
C ASP A 59 -6.23 -5.73 14.78
N PRO A 60 -6.23 -7.01 15.14
CA PRO A 60 -7.06 -8.00 14.47
C PRO A 60 -8.55 -7.72 14.52
N ASP A 61 -8.99 -7.03 15.59
CA ASP A 61 -10.41 -6.71 15.73
C ASP A 61 -10.72 -5.31 15.28
N GLU A 62 -9.83 -4.36 15.63
CA GLU A 62 -10.11 -2.96 15.36
C GLU A 62 -9.57 -2.43 14.05
N GLY A 63 -8.66 -3.19 13.45
CA GLY A 63 -8.14 -2.67 12.18
C GLY A 63 -6.89 -1.81 12.38
N ILE A 64 -6.49 -1.14 11.33
CA ILE A 64 -5.27 -0.38 11.33
C ILE A 64 -5.27 0.94 12.08
N ARG A 65 -4.16 1.24 12.72
CA ARG A 65 -3.97 2.56 13.37
C ARG A 65 -2.64 3.10 12.85
N PHE A 66 -2.69 4.34 12.46
CA PHE A 66 -1.57 5.07 11.93
C PHE A 66 -1.03 5.96 13.02
N ARG A 67 0.12 5.56 13.54
CA ARG A 67 0.72 6.28 14.66
C ARG A 67 -0.33 6.44 15.75
N GLY A 68 -1.09 5.39 16.00
CA GLY A 68 -2.10 5.46 17.06
C GLY A 68 -3.48 6.00 16.61
N PHE A 69 -3.62 6.53 15.41
CA PHE A 69 -4.94 6.99 15.04
C PHE A 69 -5.67 6.07 14.09
N SER A 70 -6.91 5.90 14.34
CA SER A 70 -7.75 5.12 13.47
C SER A 70 -8.17 5.92 12.24
N ILE A 71 -8.71 5.21 11.27
CA ILE A 71 -9.16 5.87 10.07
C ILE A 71 -10.11 7.04 10.30
N PRO A 72 -11.16 6.81 11.05
CA PRO A 72 -12.10 7.89 11.34
C PRO A 72 -11.42 9.08 11.98
N GLU A 73 -10.45 8.79 12.86
CA GLU A 73 -9.68 9.84 13.52
C GLU A 73 -8.93 10.65 12.49
N CYS A 74 -8.25 9.96 11.59
CA CYS A 74 -7.55 10.67 10.52
C CYS A 74 -8.49 11.51 9.67
N GLN A 75 -9.64 10.93 9.34
CA GLN A 75 -10.58 11.62 8.52
C GLN A 75 -10.87 12.95 9.16
N LYS A 76 -11.05 12.83 10.44
CA LYS A 76 -11.38 13.96 11.23
C LYS A 76 -10.23 14.93 11.51
N LEU A 77 -9.01 14.42 11.72
CA LEU A 77 -7.91 15.29 12.07
C LEU A 77 -7.03 15.83 10.97
N LEU A 78 -6.86 15.06 9.91
CA LEU A 78 -5.96 15.49 8.88
C LEU A 78 -6.52 16.63 8.06
N PRO A 79 -5.64 17.55 7.64
CA PRO A 79 -6.03 18.62 6.80
C PRO A 79 -6.61 18.19 5.47
N LYS A 80 -7.63 18.90 5.04
CA LYS A 80 -8.30 18.58 3.78
C LYS A 80 -7.98 19.64 2.77
N ALA A 81 -8.38 19.39 1.54
CA ALA A 81 -8.22 20.36 0.48
C ALA A 81 -9.20 21.51 0.69
N GLY A 82 -8.92 22.67 0.13
CA GLY A 82 -9.88 23.76 0.24
C GLY A 82 -11.22 23.35 -0.38
N GLY A 83 -12.24 23.34 0.47
CA GLY A 83 -13.56 22.94 0.06
C GLY A 83 -13.73 21.42 0.11
N GLY A 84 -12.62 20.69 0.40
CA GLY A 84 -12.61 19.24 0.44
C GLY A 84 -13.21 18.60 1.69
N GLU A 85 -13.38 17.30 1.61
CA GLU A 85 -13.89 16.48 2.67
C GLU A 85 -12.88 15.36 2.99
N GLU A 86 -12.15 14.92 2.01
CA GLU A 86 -11.23 13.80 2.26
C GLU A 86 -9.85 14.29 2.62
N PRO A 87 -9.20 13.55 3.49
CA PRO A 87 -7.88 13.88 3.96
C PRO A 87 -6.82 13.83 2.86
N LEU A 88 -5.89 14.79 2.89
CA LEU A 88 -4.82 14.83 1.93
C LEU A 88 -3.73 13.83 2.33
N PRO A 89 -3.31 13.00 1.41
CA PRO A 89 -2.32 12.02 1.72
C PRO A 89 -1.04 12.67 2.22
N GLU A 90 -0.77 13.94 1.80
CA GLU A 90 0.42 14.60 2.24
C GLU A 90 0.47 14.62 3.76
N GLY A 91 -0.66 14.93 4.36
CA GLY A 91 -0.78 15.03 5.81
C GLY A 91 -0.59 13.65 6.45
N LEU A 92 -1.09 12.61 5.81
CA LEU A 92 -0.88 11.32 6.36
C LEU A 92 0.62 11.03 6.42
N PHE A 93 1.33 11.42 5.36
CA PHE A 93 2.75 11.16 5.31
C PHE A 93 3.46 11.81 6.49
N TRP A 94 3.12 13.05 6.71
CA TRP A 94 3.69 13.78 7.82
C TRP A 94 3.46 13.06 9.12
N LEU A 95 2.21 12.62 9.30
CA LEU A 95 1.90 11.93 10.52
C LEU A 95 2.72 10.65 10.68
N LEU A 96 2.90 9.91 9.56
CA LEU A 96 3.60 8.64 9.72
C LEU A 96 5.01 8.86 10.09
N VAL A 97 5.58 9.87 9.47
CA VAL A 97 6.98 10.13 9.65
C VAL A 97 7.30 10.74 11.01
N THR A 98 6.49 11.69 11.45
CA THR A 98 6.78 12.37 12.73
C THR A 98 5.98 11.87 13.90
N GLY A 99 4.87 11.23 13.64
CA GLY A 99 4.05 10.78 14.71
C GLY A 99 3.14 11.90 15.17
N GLN A 100 3.25 13.04 14.52
CA GLN A 100 2.42 14.18 14.93
C GLN A 100 1.47 14.58 13.81
N ILE A 101 0.28 15.07 14.20
CA ILE A 101 -0.66 15.59 13.22
C ILE A 101 -0.13 16.91 12.66
N PRO A 102 -0.05 17.03 11.37
CA PRO A 102 0.52 18.24 10.83
C PRO A 102 -0.50 19.36 10.73
N THR A 103 0.05 20.58 10.59
CA THR A 103 -0.79 21.75 10.35
C THR A 103 -1.01 21.84 8.84
N PRO A 104 -1.93 22.69 8.45
CA PRO A 104 -2.18 22.82 7.05
C PRO A 104 -0.99 23.43 6.40
N GLU A 105 -0.30 24.23 7.19
CA GLU A 105 0.87 24.88 6.62
C GLU A 105 1.94 23.84 6.30
N GLN A 106 2.06 22.90 7.21
CA GLN A 106 3.05 21.87 7.04
C GLN A 106 2.65 21.02 5.84
N VAL A 107 1.34 20.77 5.75
CA VAL A 107 0.83 20.01 4.66
C VAL A 107 1.11 20.69 3.33
N SER A 108 0.87 21.97 3.28
CA SER A 108 1.17 22.62 2.02
C SER A 108 2.64 22.57 1.66
N TRP A 109 3.51 22.47 2.65
CA TRP A 109 4.91 22.41 2.29
C TRP A 109 5.22 21.08 1.63
N VAL A 110 4.61 20.05 2.15
CA VAL A 110 4.85 18.74 1.56
C VAL A 110 4.42 18.75 0.11
N SER A 111 3.24 19.34 -0.12
CA SER A 111 2.72 19.43 -1.50
C SER A 111 3.67 20.19 -2.41
N LYS A 112 4.25 21.26 -1.92
CA LYS A 112 5.17 21.99 -2.78
C LYS A 112 6.45 21.19 -3.05
N GLU A 113 6.94 20.58 -1.98
CA GLU A 113 8.14 19.79 -2.06
C GLU A 113 7.96 18.70 -3.10
N TRP A 114 6.84 17.97 -3.01
CA TRP A 114 6.61 16.92 -3.99
C TRP A 114 6.49 17.47 -5.39
N ALA A 115 5.87 18.64 -5.52
CA ALA A 115 5.75 19.21 -6.84
C ALA A 115 7.11 19.58 -7.38
N LYS A 116 7.94 20.16 -6.52
CA LYS A 116 9.26 20.57 -6.94
C LYS A 116 10.09 19.42 -7.40
N ARG A 117 10.03 18.32 -6.69
CA ARG A 117 10.93 17.21 -7.02
C ARG A 117 10.52 16.30 -8.18
N ALA A 118 9.33 16.50 -8.72
CA ALA A 118 8.81 15.62 -9.76
C ALA A 118 9.50 15.79 -11.11
N ALA A 119 10.22 14.79 -11.57
CA ALA A 119 10.88 14.88 -12.88
C ALA A 119 11.36 13.52 -13.27
N LEU A 120 11.22 13.20 -14.55
CA LEU A 120 11.69 11.89 -15.01
C LEU A 120 12.85 11.99 -15.93
N PRO A 121 13.81 11.08 -15.79
CA PRO A 121 14.95 11.03 -16.68
C PRO A 121 14.52 10.41 -18.01
N SER A 122 15.18 10.79 -19.09
CA SER A 122 14.79 10.33 -20.43
C SER A 122 14.87 8.83 -20.62
N HIS A 123 15.86 8.23 -20.01
CA HIS A 123 15.96 6.82 -20.18
C HIS A 123 14.69 6.16 -19.69
N VAL A 124 14.11 6.69 -18.62
CA VAL A 124 12.92 6.08 -18.12
C VAL A 124 11.75 6.35 -19.03
N VAL A 125 11.66 7.56 -19.54
CA VAL A 125 10.56 7.82 -20.44
C VAL A 125 10.61 6.92 -21.70
N THR A 126 11.83 6.74 -22.18
CA THR A 126 12.03 5.95 -23.36
C THR A 126 11.60 4.52 -23.15
N MET A 127 11.97 3.99 -22.00
CA MET A 127 11.64 2.63 -21.66
C MET A 127 10.14 2.46 -21.63
N LEU A 128 9.44 3.37 -20.99
CA LEU A 128 8.00 3.22 -20.85
C LEU A 128 7.32 3.27 -22.22
N ASP A 129 7.76 4.22 -23.02
CA ASP A 129 7.25 4.37 -24.37
C ASP A 129 7.58 3.18 -25.26
N ASN A 130 8.57 2.40 -24.92
CA ASN A 130 8.85 1.24 -25.78
C ASN A 130 8.22 -0.08 -25.33
N PHE A 131 7.65 -0.08 -24.15
CA PHE A 131 7.03 -1.29 -23.60
C PHE A 131 5.83 -1.74 -24.42
N PRO A 132 5.64 -3.04 -24.51
CA PRO A 132 4.52 -3.58 -25.25
C PRO A 132 3.24 -3.44 -24.44
N THR A 133 2.10 -3.35 -25.12
CA THR A 133 0.85 -3.18 -24.40
C THR A 133 0.42 -4.43 -23.66
N ASN A 134 1.02 -5.58 -23.94
CA ASN A 134 0.62 -6.76 -23.24
C ASN A 134 1.46 -6.96 -21.97
N LEU A 135 2.29 -5.97 -21.65
CA LEU A 135 3.12 -6.10 -20.45
C LEU A 135 2.31 -5.44 -19.33
N HIS A 136 1.95 -6.22 -18.32
CA HIS A 136 1.11 -5.76 -17.24
C HIS A 136 1.59 -4.43 -16.62
N PRO A 137 0.63 -3.60 -16.27
CA PRO A 137 0.95 -2.30 -15.69
C PRO A 137 1.87 -2.38 -14.46
N MET A 138 1.68 -3.38 -13.57
CA MET A 138 2.53 -3.46 -12.40
C MET A 138 3.93 -3.81 -12.78
N SER A 139 4.06 -4.60 -13.82
CA SER A 139 5.40 -4.98 -14.27
C SER A 139 6.06 -3.77 -14.87
N GLN A 140 5.29 -3.00 -15.65
CA GLN A 140 5.87 -1.77 -16.21
C GLN A 140 6.33 -0.82 -15.08
N LEU A 141 5.52 -0.75 -14.02
CA LEU A 141 5.80 0.12 -12.91
C LEU A 141 7.04 -0.30 -12.17
N SER A 142 7.14 -1.56 -11.82
CA SER A 142 8.31 -2.04 -11.10
C SER A 142 9.59 -1.88 -11.94
N ALA A 143 9.52 -2.24 -13.23
CA ALA A 143 10.73 -2.06 -14.08
C ALA A 143 11.17 -0.57 -14.11
N ALA A 144 10.20 0.34 -14.27
CA ALA A 144 10.54 1.76 -14.28
C ALA A 144 11.20 2.24 -12.97
N ILE A 145 10.66 1.85 -11.82
CA ILE A 145 11.24 2.26 -10.56
C ILE A 145 12.64 1.71 -10.41
N THR A 146 12.82 0.45 -10.78
CA THR A 146 14.16 -0.13 -10.74
C THR A 146 15.10 0.69 -11.60
N ALA A 147 14.69 0.99 -12.82
CA ALA A 147 15.47 1.79 -13.78
C ALA A 147 15.78 3.20 -13.24
N LEU A 148 14.99 3.72 -12.30
CA LEU A 148 15.26 5.04 -11.74
C LEU A 148 16.44 5.04 -10.76
N ASN A 149 16.84 3.86 -10.32
CA ASN A 149 17.89 3.82 -9.33
C ASN A 149 19.21 4.46 -9.78
N SER A 150 19.31 4.76 -11.07
CA SER A 150 20.50 5.45 -11.55
C SER A 150 20.59 6.85 -10.89
N GLU A 151 19.48 7.34 -10.39
CA GLU A 151 19.46 8.66 -9.78
C GLU A 151 19.59 8.57 -8.27
N SER A 152 19.73 7.37 -7.73
CA SER A 152 19.69 7.27 -6.28
C SER A 152 20.74 8.13 -5.56
N ASN A 153 20.29 8.93 -4.62
CA ASN A 153 21.26 9.72 -3.86
C ASN A 153 21.86 8.84 -2.76
N PHE A 154 21.06 7.93 -2.25
CA PHE A 154 21.61 7.01 -1.27
C PHE A 154 22.66 6.08 -1.89
N ALA A 155 22.35 5.53 -3.06
CA ALA A 155 23.30 4.63 -3.67
C ALA A 155 24.63 5.33 -3.90
N ARG A 156 24.54 6.58 -4.30
CA ARG A 156 25.68 7.42 -4.59
C ARG A 156 26.49 7.73 -3.35
N ALA A 157 25.81 8.10 -2.28
CA ALA A 157 26.53 8.37 -1.06
C ALA A 157 27.21 7.14 -0.51
N TYR A 158 26.53 5.99 -0.61
CA TYR A 158 27.11 4.76 -0.14
C TYR A 158 28.40 4.47 -0.87
N ALA A 159 28.36 4.57 -2.16
CA ALA A 159 29.54 4.35 -2.94
C ALA A 159 30.67 5.31 -2.59
N GLU A 160 30.32 6.49 -2.06
CA GLU A 160 31.34 7.47 -1.64
C GLU A 160 31.95 7.17 -0.26
N GLY A 161 31.37 6.24 0.47
CA GLY A 161 31.91 5.87 1.75
C GLY A 161 31.30 6.59 2.92
N ILE A 162 30.12 7.12 2.72
CA ILE A 162 29.47 7.80 3.80
C ILE A 162 29.46 7.00 5.13
N ASN A 163 29.63 7.67 6.26
CA ASN A 163 29.57 6.97 7.53
C ASN A 163 28.14 6.48 7.73
N ARG A 164 27.99 5.27 8.24
CA ARG A 164 26.65 4.71 8.44
C ARG A 164 25.68 5.58 9.19
N THR A 165 26.14 6.38 10.14
CA THR A 165 25.21 7.24 10.88
C THR A 165 24.41 8.24 10.02
N LYS A 166 24.83 8.51 8.80
CA LYS A 166 24.08 9.49 7.99
C LYS A 166 23.16 8.84 6.96
N TYR A 167 23.08 7.50 6.96
CA TYR A 167 22.24 6.85 5.99
C TYR A 167 20.85 7.51 5.87
N TRP A 168 20.21 7.72 7.00
CA TRP A 168 18.86 8.23 6.98
C TRP A 168 18.66 9.45 6.12
N GLU A 169 19.69 10.29 6.14
CA GLU A 169 19.60 11.56 5.44
C GLU A 169 19.44 11.38 3.97
N PHE A 170 20.19 10.42 3.41
CA PHE A 170 20.08 10.11 1.99
C PHE A 170 18.84 9.29 1.68
N VAL A 171 18.44 8.44 2.63
CA VAL A 171 17.21 7.73 2.39
C VAL A 171 16.03 8.71 2.31
N TYR A 172 16.04 9.68 3.17
CA TYR A 172 15.00 10.69 3.20
C TYR A 172 14.90 11.39 1.84
N GLU A 173 16.05 11.76 1.28
CA GLU A 173 16.02 12.45 0.00
C GLU A 173 15.43 11.61 -1.12
N ASP A 174 15.94 10.38 -1.25
CA ASP A 174 15.42 9.48 -2.29
C ASP A 174 13.93 9.21 -2.03
N ALA A 175 13.53 9.09 -0.76
CA ALA A 175 12.13 8.84 -0.47
C ALA A 175 11.23 9.98 -0.97
N MET A 176 11.63 11.20 -0.66
CA MET A 176 10.88 12.34 -1.12
C MET A 176 10.91 12.43 -2.67
N ASP A 177 12.07 12.13 -3.29
CA ASP A 177 12.16 12.15 -4.71
C ASP A 177 11.28 11.09 -5.34
N LEU A 178 11.28 9.92 -4.74
CA LEU A 178 10.54 8.83 -5.33
C LEU A 178 9.03 9.03 -5.21
N ILE A 179 8.59 9.55 -4.07
CA ILE A 179 7.16 9.78 -3.90
C ILE A 179 6.74 10.83 -4.91
N ALA A 180 7.62 11.80 -5.12
CA ALA A 180 7.31 12.86 -6.09
C ALA A 180 7.20 12.31 -7.51
N LYS A 181 8.04 11.38 -7.88
CA LYS A 181 7.99 10.90 -9.23
C LYS A 181 6.92 9.86 -9.54
N LEU A 182 6.50 9.17 -8.51
CA LEU A 182 5.54 8.09 -8.69
C LEU A 182 4.36 8.38 -9.62
N PRO A 183 3.67 9.44 -9.35
CA PRO A 183 2.51 9.77 -10.12
C PRO A 183 2.82 10.03 -11.58
N CYS A 184 4.02 10.57 -11.83
CA CYS A 184 4.40 10.80 -13.24
C CYS A 184 4.58 9.44 -13.93
N VAL A 185 5.26 8.51 -13.24
CA VAL A 185 5.45 7.22 -13.84
C VAL A 185 4.11 6.56 -14.04
N ALA A 186 3.36 6.50 -12.96
CA ALA A 186 2.11 5.82 -13.03
C ALA A 186 1.24 6.38 -14.15
N ALA A 187 1.19 7.71 -14.22
CA ALA A 187 0.32 8.29 -15.23
C ALA A 187 0.84 8.08 -16.61
N LYS A 188 2.16 8.04 -16.78
CA LYS A 188 2.65 7.83 -18.13
C LYS A 188 2.22 6.43 -18.62
N ILE A 189 2.19 5.46 -17.67
CA ILE A 189 1.77 4.13 -18.03
C ILE A 189 0.30 4.13 -18.48
N TYR A 190 -0.52 4.83 -17.72
CA TYR A 190 -1.93 4.91 -18.00
C TYR A 190 -2.21 5.47 -19.41
N ARG A 191 -1.57 6.58 -19.73
CA ARG A 191 -1.72 7.21 -21.02
C ARG A 191 -1.16 6.35 -22.17
N ASN A 192 -0.03 5.75 -21.96
CA ASN A 192 0.57 4.96 -23.01
C ASN A 192 -0.31 3.77 -23.34
N LEU A 193 -0.90 3.20 -22.31
CA LEU A 193 -1.70 2.01 -22.51
C LEU A 193 -3.10 2.36 -22.95
N TYR A 194 -3.71 3.35 -22.32
CA TYR A 194 -5.10 3.62 -22.60
C TYR A 194 -5.42 4.93 -23.28
N ARG A 195 -4.45 5.81 -23.48
CA ARG A 195 -4.85 7.06 -24.14
C ARG A 195 -3.78 7.42 -25.13
N ALA A 196 -3.35 6.39 -25.90
CA ALA A 196 -2.24 6.45 -26.81
C ALA A 196 -2.26 7.71 -27.67
N GLY A 197 -1.14 8.45 -27.70
CA GLY A 197 -1.01 9.67 -28.46
C GLY A 197 -1.17 10.98 -27.64
N SER A 198 -1.63 10.86 -26.42
CA SER A 198 -1.79 12.02 -25.57
C SER A 198 -0.59 12.09 -24.61
N SER A 199 -0.53 13.17 -23.81
CA SER A 199 0.58 13.48 -22.88
C SER A 199 0.08 13.73 -21.48
N ILE A 200 0.91 13.40 -20.48
CA ILE A 200 0.49 13.61 -19.11
C ILE A 200 0.51 15.06 -18.71
N GLY A 201 1.27 15.82 -19.45
CA GLY A 201 1.32 17.23 -19.16
C GLY A 201 2.29 17.56 -18.06
N ALA A 202 2.11 18.72 -17.47
CA ALA A 202 3.01 19.17 -16.44
C ALA A 202 2.39 19.33 -15.07
N ILE A 203 3.30 19.35 -14.07
CA ILE A 203 2.92 19.46 -12.70
C ILE A 203 2.63 20.89 -12.39
N ASP A 204 1.60 21.11 -11.58
CA ASP A 204 1.22 22.44 -11.16
C ASP A 204 1.70 22.55 -9.75
N SER A 205 2.72 23.35 -9.55
CA SER A 205 3.28 23.51 -8.22
C SER A 205 2.29 24.01 -7.21
N LYS A 206 1.12 24.43 -7.67
CA LYS A 206 0.11 24.95 -6.77
C LYS A 206 -0.93 23.96 -6.31
N LEU A 207 -0.93 22.74 -6.86
CA LEU A 207 -1.94 21.79 -6.43
C LEU A 207 -1.38 20.74 -5.49
N ASP A 208 -2.30 20.02 -4.80
CA ASP A 208 -1.89 18.90 -4.01
C ASP A 208 -1.56 17.73 -4.96
N TRP A 209 -0.80 16.82 -4.41
CA TRP A 209 -0.28 15.67 -5.08
C TRP A 209 -1.36 14.83 -5.77
N SER A 210 -2.43 14.52 -5.05
CA SER A 210 -3.56 13.79 -5.63
C SER A 210 -4.14 14.48 -6.88
N HIS A 211 -4.31 15.79 -6.74
CA HIS A 211 -4.85 16.60 -7.80
C HIS A 211 -3.94 16.64 -9.04
N ASN A 212 -2.64 16.82 -8.80
CA ASN A 212 -1.76 16.77 -9.99
C ASN A 212 -1.87 15.38 -10.64
N PHE A 213 -1.97 14.36 -9.80
CA PHE A 213 -2.08 12.98 -10.32
C PHE A 213 -3.32 12.76 -11.20
N THR A 214 -4.50 13.17 -10.73
CA THR A 214 -5.73 13.00 -11.48
C THR A 214 -5.73 13.80 -12.78
N ASN A 215 -5.08 14.95 -12.75
CA ASN A 215 -4.92 15.75 -13.93
C ASN A 215 -4.05 14.99 -14.94
N MET A 216 -2.95 14.43 -14.46
CA MET A 216 -2.12 13.66 -15.40
C MET A 216 -2.84 12.45 -15.95
N LEU A 217 -3.76 11.86 -15.14
CA LEU A 217 -4.56 10.69 -15.56
C LEU A 217 -5.62 11.12 -16.55
N GLY A 218 -5.94 12.40 -16.54
CA GLY A 218 -6.91 12.98 -17.46
C GLY A 218 -8.33 13.03 -16.93
N TYR A 219 -8.53 13.05 -15.61
CA TYR A 219 -9.91 13.06 -15.09
C TYR A 219 -10.33 14.43 -14.62
N THR A 220 -11.54 14.86 -14.94
CA THR A 220 -11.92 16.20 -14.53
C THR A 220 -12.86 16.26 -13.36
N ASP A 221 -13.69 15.22 -13.16
CA ASP A 221 -14.64 15.23 -12.07
C ASP A 221 -13.97 15.52 -10.71
N PRO A 222 -14.52 16.51 -10.01
CA PRO A 222 -14.01 16.90 -8.71
C PRO A 222 -14.21 15.83 -7.68
N GLN A 223 -15.27 15.05 -7.81
CA GLN A 223 -15.51 14.01 -6.82
C GLN A 223 -14.48 12.93 -6.97
N PHE A 224 -13.96 12.82 -8.19
CA PHE A 224 -12.98 11.80 -8.45
C PHE A 224 -11.68 12.18 -7.74
N THR A 225 -11.43 13.50 -7.73
CA THR A 225 -10.21 14.00 -7.08
C THR A 225 -10.25 13.65 -5.58
N GLU A 226 -11.46 13.82 -5.04
CA GLU A 226 -11.76 13.52 -3.66
C GLU A 226 -11.63 12.01 -3.42
N LEU A 227 -12.14 11.20 -4.34
CA LEU A 227 -11.96 9.76 -4.17
C LEU A 227 -10.48 9.43 -4.11
N MET A 228 -9.73 10.06 -5.01
CA MET A 228 -8.32 9.78 -5.07
C MET A 228 -7.58 10.06 -3.76
N ARG A 229 -7.86 11.23 -3.21
CA ARG A 229 -7.26 11.64 -1.96
C ARG A 229 -7.54 10.61 -0.87
N LEU A 230 -8.77 10.13 -0.88
CA LEU A 230 -9.13 9.11 0.14
C LEU A 230 -8.42 7.79 -0.12
N TYR A 231 -8.46 7.40 -1.36
CA TYR A 231 -7.84 6.15 -1.77
C TYR A 231 -6.38 6.09 -1.38
N LEU A 232 -5.68 7.14 -1.77
CA LEU A 232 -4.28 7.24 -1.55
C LEU A 232 -3.92 7.31 -0.06
N THR A 233 -4.83 7.86 0.70
CA THR A 233 -4.55 7.93 2.12
C THR A 233 -4.75 6.58 2.79
N ILE A 234 -5.87 5.93 2.48
CA ILE A 234 -6.20 4.71 3.20
C ILE A 234 -5.41 3.51 2.80
N HIS A 235 -4.77 3.55 1.64
CA HIS A 235 -3.99 2.41 1.19
C HIS A 235 -2.53 2.52 1.60
N SER A 236 -2.19 3.64 2.26
CA SER A 236 -0.82 4.01 2.55
C SER A 236 0.07 3.01 3.26
N ASP A 237 -0.46 2.37 4.30
CA ASP A 237 0.36 1.48 5.15
C ASP A 237 -0.53 0.47 5.86
N HIS A 238 0.02 -0.68 6.21
CA HIS A 238 -0.80 -1.64 6.89
C HIS A 238 0.08 -2.52 7.72
N GLU A 239 0.77 -1.82 8.60
CA GLU A 239 1.79 -2.42 9.49
C GLU A 239 2.90 -3.04 8.70
N GLY A 240 3.86 -3.72 9.34
CA GLY A 240 5.01 -4.19 8.63
C GLY A 240 5.03 -5.58 8.10
N GLY A 241 4.10 -6.44 8.50
CA GLY A 241 4.21 -7.85 8.08
C GLY A 241 3.50 -8.22 6.80
N ASN A 242 2.83 -7.26 6.16
CA ASN A 242 2.18 -7.53 4.91
C ASN A 242 3.27 -7.66 3.87
N VAL A 243 2.98 -8.40 2.81
CA VAL A 243 4.00 -8.73 1.84
C VAL A 243 4.81 -7.57 1.26
N SER A 244 4.10 -6.55 0.77
CA SER A 244 4.79 -5.43 0.17
C SER A 244 5.68 -4.70 1.18
N ALA A 245 5.11 -4.39 2.34
CA ALA A 245 5.92 -3.70 3.36
C ALA A 245 7.07 -4.53 3.79
N HIS A 246 6.80 -5.80 4.09
CA HIS A 246 7.87 -6.66 4.59
C HIS A 246 8.99 -6.77 3.56
N THR A 247 8.59 -6.86 2.29
CA THR A 247 9.56 -6.93 1.22
C THR A 247 10.45 -5.70 1.18
N SER A 248 9.82 -4.52 1.26
CA SER A 248 10.66 -3.29 1.25
C SER A 248 11.62 -3.27 2.42
N HIS A 249 11.11 -3.73 3.53
CA HIS A 249 11.89 -3.78 4.74
C HIS A 249 13.09 -4.68 4.61
N LEU A 250 12.83 -5.89 4.23
CA LEU A 250 13.86 -6.91 4.05
C LEU A 250 14.92 -6.44 3.06
N VAL A 251 14.48 -6.01 1.89
CA VAL A 251 15.39 -5.53 0.87
C VAL A 251 16.18 -4.29 1.30
N GLY A 252 15.52 -3.34 1.92
CA GLY A 252 16.26 -2.19 2.35
C GLY A 252 17.28 -2.55 3.40
N SER A 253 17.02 -3.59 4.19
CA SER A 253 17.93 -4.00 5.26
C SER A 253 19.31 -4.38 4.79
N ALA A 254 19.44 -4.66 3.51
CA ALA A 254 20.73 -5.03 2.96
C ALA A 254 21.43 -3.80 2.35
N LEU A 255 20.78 -2.66 2.57
CA LEU A 255 21.30 -1.41 2.09
C LEU A 255 21.08 -1.11 0.63
N SER A 256 20.14 -1.88 -0.01
CA SER A 256 19.70 -1.55 -1.36
C SER A 256 18.98 -0.20 -1.21
N ASP A 257 19.08 0.64 -2.24
CA ASP A 257 18.46 1.95 -2.16
C ASP A 257 16.93 1.89 -2.18
N PRO A 258 16.29 2.97 -1.84
CA PRO A 258 14.85 2.97 -1.79
C PRO A 258 14.12 2.63 -3.09
N TYR A 259 14.77 2.96 -4.20
CA TYR A 259 14.18 2.68 -5.50
C TYR A 259 14.10 1.15 -5.68
N LEU A 260 15.20 0.51 -5.45
CA LEU A 260 15.24 -0.96 -5.54
C LEU A 260 14.33 -1.61 -4.50
N SER A 261 14.35 -1.09 -3.26
CA SER A 261 13.47 -1.68 -2.25
C SER A 261 12.00 -1.52 -2.60
N PHE A 262 11.65 -0.33 -3.10
CA PHE A 262 10.27 -0.09 -3.41
C PHE A 262 9.80 -0.96 -4.61
N ALA A 263 10.67 -1.14 -5.59
CA ALA A 263 10.32 -1.93 -6.78
C ALA A 263 10.11 -3.38 -6.38
N ALA A 264 10.98 -3.90 -5.50
CA ALA A 264 10.80 -5.28 -5.07
C ALA A 264 9.44 -5.39 -4.40
N ALA A 265 9.08 -4.33 -3.66
CA ALA A 265 7.83 -4.38 -2.95
C ALA A 265 6.68 -4.52 -3.91
N MET A 266 6.82 -3.79 -5.01
CA MET A 266 5.77 -3.79 -6.01
C MET A 266 5.65 -5.18 -6.61
N ASN A 267 6.73 -5.89 -6.70
CA ASN A 267 6.63 -7.22 -7.21
C ASN A 267 5.83 -8.07 -6.29
N GLY A 268 5.88 -7.77 -5.00
CA GLY A 268 5.08 -8.53 -4.03
C GLY A 268 3.61 -8.09 -4.05
N LEU A 269 3.38 -6.80 -4.21
CA LEU A 269 2.01 -6.23 -4.29
C LEU A 269 1.24 -6.81 -5.48
N ALA A 270 1.99 -7.16 -6.51
CA ALA A 270 1.44 -7.71 -7.74
C ALA A 270 0.96 -9.14 -7.60
N GLY A 271 1.15 -9.74 -6.41
CA GLY A 271 0.68 -11.11 -6.23
C GLY A 271 -0.85 -11.14 -6.07
N PRO A 272 -1.50 -12.17 -6.58
CA PRO A 272 -2.95 -12.31 -6.51
C PRO A 272 -3.51 -12.38 -5.08
N LEU A 273 -2.72 -12.87 -4.16
CA LEU A 273 -3.10 -12.98 -2.74
C LEU A 273 -2.84 -11.66 -2.00
N HIS A 274 -2.15 -10.73 -2.68
CA HIS A 274 -1.88 -9.40 -2.12
C HIS A 274 -2.64 -8.31 -2.84
N GLY A 275 -1.94 -7.29 -3.33
CA GLY A 275 -2.61 -6.14 -3.95
C GLY A 275 -3.30 -6.41 -5.29
N LEU A 276 -2.89 -7.48 -6.02
CA LEU A 276 -3.57 -7.77 -7.25
C LEU A 276 -5.05 -8.13 -7.03
N ALA A 277 -5.40 -8.46 -5.80
CA ALA A 277 -6.80 -8.79 -5.47
C ALA A 277 -7.77 -7.69 -5.93
N ASN A 278 -7.32 -6.41 -5.90
CA ASN A 278 -8.24 -5.35 -6.28
C ASN A 278 -8.69 -5.48 -7.71
N GLN A 279 -7.79 -5.98 -8.53
CA GLN A 279 -8.03 -6.23 -9.95
C GLN A 279 -8.87 -7.49 -10.10
N GLU A 280 -8.44 -8.51 -9.36
CA GLU A 280 -9.09 -9.83 -9.39
C GLU A 280 -10.57 -9.74 -9.00
N VAL A 281 -10.87 -8.87 -8.04
CA VAL A 281 -12.25 -8.73 -7.60
C VAL A 281 -13.13 -8.25 -8.77
N LEU A 282 -12.61 -7.25 -9.49
CA LEU A 282 -13.37 -6.70 -10.59
C LEU A 282 -13.56 -7.71 -11.72
N LEU A 283 -12.50 -8.45 -12.03
CA LEU A 283 -12.61 -9.47 -13.07
C LEU A 283 -13.64 -10.51 -12.63
N TRP A 284 -13.61 -10.87 -11.36
CA TRP A 284 -14.55 -11.85 -10.81
C TRP A 284 -16.00 -11.37 -10.90
N LEU A 285 -16.20 -10.11 -10.60
CA LEU A 285 -17.49 -9.48 -10.71
C LEU A 285 -18.00 -9.42 -12.14
N SER A 286 -17.09 -9.12 -13.07
CA SER A 286 -17.42 -9.08 -14.50
C SER A 286 -17.89 -10.41 -15.04
N GLN A 287 -17.24 -11.50 -14.65
CA GLN A 287 -17.64 -12.81 -15.08
C GLN A 287 -18.99 -13.12 -14.45
N LEU A 288 -19.15 -12.69 -13.20
CA LEU A 288 -20.37 -12.93 -12.48
C LEU A 288 -21.54 -12.37 -13.24
N GLN A 289 -21.49 -11.08 -13.41
CA GLN A 289 -22.51 -10.34 -14.10
C GLN A 289 -22.69 -10.87 -15.50
N LYS A 290 -21.63 -11.40 -16.05
CA LYS A 290 -21.74 -11.93 -17.38
C LYS A 290 -22.49 -13.26 -17.38
N ASP A 291 -22.11 -14.13 -16.44
CA ASP A 291 -22.71 -15.44 -16.27
C ASP A 291 -24.18 -15.28 -15.93
N LEU A 292 -24.42 -14.61 -14.82
CA LEU A 292 -25.75 -14.44 -14.31
C LEU A 292 -26.53 -13.25 -14.82
N GLY A 293 -25.83 -12.17 -15.12
CA GLY A 293 -26.50 -10.98 -15.63
C GLY A 293 -27.08 -10.05 -14.57
N ALA A 294 -26.54 -8.82 -14.55
CA ALA A 294 -26.89 -7.66 -13.71
C ALA A 294 -27.63 -7.85 -12.38
N ASP A 295 -28.89 -8.30 -12.38
CA ASP A 295 -29.60 -8.44 -11.11
C ASP A 295 -29.88 -9.89 -10.72
N ALA A 296 -28.92 -10.46 -9.98
CA ALA A 296 -28.99 -11.84 -9.53
C ALA A 296 -29.71 -12.07 -8.20
N SER A 297 -30.20 -13.28 -8.08
CA SER A 297 -30.87 -13.78 -6.87
C SER A 297 -29.80 -14.30 -5.91
N ASP A 298 -30.15 -14.29 -4.65
CA ASP A 298 -29.19 -14.74 -3.68
C ASP A 298 -28.76 -16.17 -3.92
N GLU A 299 -29.73 -17.03 -4.26
CA GLU A 299 -29.41 -18.42 -4.52
C GLU A 299 -28.40 -18.57 -5.67
N LYS A 300 -28.56 -17.74 -6.69
CA LYS A 300 -27.63 -17.79 -7.80
C LYS A 300 -26.22 -17.34 -7.38
N LEU A 301 -26.16 -16.26 -6.57
CA LEU A 301 -24.90 -15.77 -6.06
C LEU A 301 -24.20 -16.86 -5.27
N ARG A 302 -24.96 -17.52 -4.41
CA ARG A 302 -24.38 -18.61 -3.63
C ARG A 302 -23.73 -19.64 -4.57
N ASP A 303 -24.51 -20.02 -5.55
CA ASP A 303 -24.09 -21.04 -6.52
C ASP A 303 -22.74 -20.68 -7.11
N TYR A 304 -22.71 -19.45 -7.57
CA TYR A 304 -21.54 -18.91 -8.21
C TYR A 304 -20.32 -18.91 -7.30
N ILE A 305 -20.55 -18.54 -6.04
CA ILE A 305 -19.47 -18.57 -5.07
C ILE A 305 -18.95 -20.00 -4.88
N TRP A 306 -19.90 -20.95 -4.73
CA TRP A 306 -19.50 -22.33 -4.52
C TRP A 306 -18.68 -22.88 -5.67
N ASN A 307 -19.09 -22.54 -6.88
CA ASN A 307 -18.37 -23.04 -8.05
C ASN A 307 -16.89 -22.62 -7.96
N THR A 308 -16.66 -21.35 -7.53
CA THR A 308 -15.30 -20.88 -7.39
C THR A 308 -14.54 -21.71 -6.37
N LEU A 309 -15.14 -21.84 -5.21
CA LEU A 309 -14.51 -22.58 -4.15
C LEU A 309 -14.27 -24.03 -4.54
N ASN A 310 -15.25 -24.60 -5.24
CA ASN A 310 -15.13 -25.98 -5.63
C ASN A 310 -14.09 -26.23 -6.70
N SER A 311 -13.65 -25.17 -7.40
CA SER A 311 -12.71 -25.31 -8.47
C SER A 311 -11.28 -25.11 -8.01
N GLY A 312 -11.08 -25.02 -6.68
CA GLY A 312 -9.77 -24.84 -6.10
C GLY A 312 -9.21 -23.39 -6.25
N ARG A 313 -10.12 -22.40 -6.23
CA ARG A 313 -9.75 -20.99 -6.33
C ARG A 313 -10.20 -20.19 -5.10
N VAL A 314 -9.68 -18.97 -4.93
CA VAL A 314 -10.17 -18.17 -3.80
C VAL A 314 -11.22 -17.20 -4.26
N VAL A 315 -11.98 -16.70 -3.29
CA VAL A 315 -12.95 -15.67 -3.60
C VAL A 315 -12.17 -14.39 -3.30
N PRO A 316 -11.86 -13.57 -4.33
CA PRO A 316 -11.01 -12.40 -4.11
C PRO A 316 -11.67 -11.35 -3.19
N GLY A 317 -10.87 -10.65 -2.36
CA GLY A 317 -11.42 -9.58 -1.58
C GLY A 317 -12.00 -9.93 -0.22
N TYR A 318 -11.88 -11.19 0.11
CA TYR A 318 -12.40 -11.70 1.38
C TYR A 318 -11.29 -12.46 2.12
N GLY A 319 -11.30 -12.37 3.47
CA GLY A 319 -10.29 -13.05 4.25
C GLY A 319 -9.09 -12.10 4.55
N HIS A 320 -8.24 -12.50 5.51
CA HIS A 320 -7.08 -11.67 5.87
C HIS A 320 -6.12 -12.46 6.72
N ALA A 321 -4.82 -12.19 6.62
CA ALA A 321 -3.91 -12.95 7.47
C ALA A 321 -3.98 -12.52 8.93
N VAL A 322 -4.44 -11.31 9.19
CA VAL A 322 -4.46 -10.89 10.59
C VAL A 322 -5.82 -10.43 11.04
N LEU A 323 -6.45 -9.65 10.19
CA LEU A 323 -7.77 -9.16 10.59
C LEU A 323 -8.73 -10.31 10.83
N ARG A 324 -9.67 -10.12 11.77
CA ARG A 324 -10.65 -11.14 12.11
C ARG A 324 -12.06 -10.61 12.04
N LYS A 325 -12.20 -9.39 11.59
CA LYS A 325 -13.45 -8.76 11.41
C LYS A 325 -13.41 -7.92 10.14
N THR A 326 -14.55 -7.33 9.77
CA THR A 326 -14.56 -6.52 8.57
C THR A 326 -13.52 -5.40 8.61
N ASP A 327 -12.70 -5.33 7.56
CA ASP A 327 -11.70 -4.28 7.38
C ASP A 327 -12.35 -2.86 7.39
N PRO A 328 -11.91 -2.02 8.33
CA PRO A 328 -12.39 -0.65 8.40
C PRO A 328 -12.15 0.06 7.07
N ARG A 329 -11.10 -0.35 6.33
CA ARG A 329 -10.88 0.27 5.01
C ARG A 329 -12.06 -0.02 4.07
N TYR A 330 -12.64 -1.20 4.24
CA TYR A 330 -13.80 -1.58 3.44
C TYR A 330 -14.98 -0.69 3.83
N THR A 331 -15.23 -0.61 5.13
CA THR A 331 -16.32 0.21 5.63
C THR A 331 -16.22 1.64 5.17
N CYS A 332 -15.02 2.15 5.25
CA CYS A 332 -14.78 3.51 4.84
C CYS A 332 -15.13 3.68 3.34
N GLN A 333 -14.81 2.68 2.55
CA GLN A 333 -15.19 2.81 1.17
C GLN A 333 -16.69 2.75 0.97
N ARG A 334 -17.33 1.86 1.70
CA ARG A 334 -18.78 1.70 1.67
C ARG A 334 -19.46 3.02 1.97
N GLU A 335 -19.01 3.65 3.04
CA GLU A 335 -19.56 4.95 3.38
C GLU A 335 -19.43 5.99 2.26
N PHE A 336 -18.31 5.94 1.55
CA PHE A 336 -18.09 6.82 0.43
C PHE A 336 -19.10 6.53 -0.65
N ALA A 337 -19.25 5.26 -1.01
CA ALA A 337 -20.21 4.86 -2.04
C ALA A 337 -21.64 5.31 -1.65
N LEU A 338 -22.00 5.02 -0.41
CA LEU A 338 -23.31 5.37 0.06
C LEU A 338 -23.62 6.83 -0.13
N LYS A 339 -22.59 7.65 0.04
CA LYS A 339 -22.78 9.08 -0.12
C LYS A 339 -22.78 9.53 -1.56
N HIS A 340 -21.97 8.89 -2.40
CA HIS A 340 -21.78 9.33 -3.79
C HIS A 340 -22.36 8.55 -4.93
N LEU A 341 -22.51 7.26 -4.80
CA LEU A 341 -23.02 6.49 -5.92
C LEU A 341 -23.85 5.35 -5.38
N PRO A 342 -24.77 5.71 -4.53
CA PRO A 342 -25.63 4.74 -3.88
C PRO A 342 -26.43 3.87 -4.83
N SER A 343 -26.70 4.38 -6.02
CA SER A 343 -27.50 3.58 -6.92
C SER A 343 -26.77 2.83 -8.03
N ASP A 344 -25.47 2.83 -7.98
CA ASP A 344 -24.71 2.11 -8.97
C ASP A 344 -24.92 0.58 -8.81
N PRO A 345 -25.25 -0.08 -9.92
CA PRO A 345 -25.56 -1.47 -9.93
C PRO A 345 -24.40 -2.34 -9.51
N MET A 346 -23.18 -1.91 -9.81
CA MET A 346 -22.05 -2.71 -9.38
C MET A 346 -21.89 -2.57 -7.87
N PHE A 347 -22.13 -1.35 -7.41
CA PHE A 347 -22.03 -1.09 -5.98
C PHE A 347 -23.02 -1.99 -5.30
N LYS A 348 -24.22 -1.95 -5.82
CA LYS A 348 -25.29 -2.75 -5.27
C LYS A 348 -24.94 -4.23 -5.25
N LEU A 349 -24.24 -4.69 -6.28
CA LEU A 349 -23.81 -6.07 -6.32
C LEU A 349 -22.81 -6.32 -5.17
N VAL A 350 -21.90 -5.35 -5.04
CA VAL A 350 -20.88 -5.48 -4.00
C VAL A 350 -21.54 -5.54 -2.65
N ALA A 351 -22.57 -4.71 -2.48
CA ALA A 351 -23.32 -4.70 -1.23
C ALA A 351 -24.01 -6.03 -1.01
N GLN A 352 -24.54 -6.60 -2.07
CA GLN A 352 -25.24 -7.87 -1.94
C GLN A 352 -24.28 -8.96 -1.53
N LEU A 353 -23.07 -8.91 -2.06
CA LEU A 353 -22.17 -10.00 -1.75
C LEU A 353 -21.81 -9.97 -0.29
N TYR A 354 -21.79 -8.75 0.31
CA TYR A 354 -21.43 -8.64 1.74
C TYR A 354 -22.44 -9.46 2.60
N LYS A 355 -23.68 -9.49 2.12
CA LYS A 355 -24.65 -10.29 2.81
C LYS A 355 -24.49 -11.79 2.56
N ILE A 356 -23.76 -12.16 1.51
CA ILE A 356 -23.70 -13.60 1.16
C ILE A 356 -22.36 -14.29 1.32
N VAL A 357 -21.34 -13.65 0.81
CA VAL A 357 -20.03 -14.27 0.86
C VAL A 357 -19.56 -14.79 2.22
N PRO A 358 -19.63 -13.94 3.23
CA PRO A 358 -19.15 -14.34 4.51
C PRO A 358 -19.82 -15.63 4.98
N ASN A 359 -21.10 -15.70 4.73
CA ASN A 359 -21.85 -16.90 5.14
C ASN A 359 -21.39 -18.13 4.39
N VAL A 360 -21.15 -17.98 3.10
CA VAL A 360 -20.71 -19.16 2.41
C VAL A 360 -19.35 -19.59 2.95
N LEU A 361 -18.49 -18.61 3.12
CA LEU A 361 -17.15 -18.90 3.64
C LEU A 361 -17.22 -19.59 4.99
N LEU A 362 -18.15 -19.13 5.79
CA LEU A 362 -18.30 -19.70 7.11
C LEU A 362 -18.69 -21.17 6.92
N GLU A 363 -19.68 -21.36 6.04
CA GLU A 363 -20.17 -22.67 5.76
C GLU A 363 -19.07 -23.59 5.27
N GLN A 364 -18.22 -23.08 4.39
CA GLN A 364 -17.12 -23.87 3.88
C GLN A 364 -16.18 -24.29 4.99
N GLY A 365 -16.06 -23.46 6.02
CA GLY A 365 -15.21 -23.77 7.18
C GLY A 365 -13.68 -23.74 7.02
N LYS A 366 -13.16 -23.09 6.00
CA LYS A 366 -11.73 -23.05 5.87
C LYS A 366 -11.13 -21.67 6.30
N ALA A 367 -11.67 -20.60 5.74
CA ALA A 367 -11.14 -19.28 6.04
C ALA A 367 -11.27 -18.94 7.51
N LYS A 368 -10.23 -18.36 8.06
CA LYS A 368 -10.24 -17.92 9.44
C LYS A 368 -11.08 -16.65 9.58
N ASN A 369 -10.98 -15.79 8.59
CA ASN A 369 -11.69 -14.53 8.54
C ASN A 369 -12.59 -14.51 7.33
N PRO A 370 -13.89 -14.63 7.53
CA PRO A 370 -14.83 -14.66 6.43
C PRO A 370 -15.24 -13.28 5.96
N TRP A 371 -14.73 -12.24 6.59
CA TRP A 371 -15.10 -10.86 6.27
C TRP A 371 -14.32 -10.25 5.11
N PRO A 372 -14.87 -9.19 4.52
CA PRO A 372 -14.18 -8.58 3.39
C PRO A 372 -13.00 -7.76 3.81
N ASN A 373 -12.09 -7.57 2.85
CA ASN A 373 -10.92 -6.75 3.05
C ASN A 373 -11.02 -5.59 2.08
N VAL A 374 -10.12 -4.61 2.21
CA VAL A 374 -10.12 -3.39 1.41
C VAL A 374 -10.38 -3.65 -0.11
N ASP A 375 -9.78 -4.71 -0.64
CA ASP A 375 -9.86 -4.97 -2.09
C ASP A 375 -11.24 -5.31 -2.61
N ALA A 376 -12.12 -5.71 -1.68
CA ALA A 376 -13.45 -6.03 -2.15
C ALA A 376 -14.23 -4.78 -2.57
N HIS A 377 -13.83 -3.59 -2.08
CA HIS A 377 -14.63 -2.40 -2.37
C HIS A 377 -13.97 -1.27 -3.19
N SER A 378 -12.70 -1.35 -3.52
CA SER A 378 -12.03 -0.27 -4.21
C SER A 378 -12.32 -0.10 -5.70
N GLY A 379 -12.25 -1.17 -6.48
CA GLY A 379 -12.48 -1.06 -7.92
C GLY A 379 -13.82 -0.53 -8.31
N VAL A 380 -14.80 -0.86 -7.51
CA VAL A 380 -16.17 -0.48 -7.78
C VAL A 380 -16.27 1.01 -7.74
N LEU A 381 -15.52 1.63 -6.87
CA LEU A 381 -15.58 3.06 -6.84
C LEU A 381 -14.94 3.70 -8.08
N LEU A 382 -13.81 3.14 -8.45
CA LEU A 382 -13.06 3.60 -9.60
C LEU A 382 -13.85 3.48 -10.89
N GLN A 383 -14.47 2.32 -11.10
CA GLN A 383 -15.29 2.05 -12.28
C GLN A 383 -16.36 3.14 -12.42
N TYR A 384 -16.94 3.54 -11.33
CA TYR A 384 -18.03 4.50 -11.38
C TYR A 384 -17.66 5.81 -12.02
N TYR A 385 -16.42 6.21 -11.83
CA TYR A 385 -15.94 7.47 -12.33
C TYR A 385 -15.36 7.36 -13.72
N GLY A 386 -15.41 6.16 -14.32
CA GLY A 386 -14.91 5.98 -15.67
C GLY A 386 -13.57 5.28 -15.79
N MET A 387 -12.95 4.96 -14.66
CA MET A 387 -11.69 4.23 -14.70
C MET A 387 -11.98 2.74 -14.72
N THR A 388 -12.21 2.27 -15.90
CA THR A 388 -12.64 0.91 -16.10
C THR A 388 -11.52 -0.03 -16.40
N GLU A 389 -10.31 0.49 -16.48
CA GLU A 389 -9.19 -0.40 -16.77
C GLU A 389 -8.79 -1.17 -15.51
N MET A 390 -9.41 -2.32 -15.28
CA MET A 390 -9.11 -3.10 -14.07
C MET A 390 -7.68 -3.62 -13.87
N ASN A 391 -6.95 -3.86 -14.93
CA ASN A 391 -5.59 -4.33 -14.81
C ASN A 391 -4.67 -3.23 -14.33
N TYR A 392 -5.17 -2.01 -14.27
CA TYR A 392 -4.37 -0.89 -13.79
C TYR A 392 -4.60 -0.59 -12.30
N TYR A 393 -5.67 -1.11 -11.72
CA TYR A 393 -5.99 -0.75 -10.32
C TYR A 393 -4.84 -0.92 -9.28
N THR A 394 -4.07 -2.00 -9.45
CA THR A 394 -3.01 -2.24 -8.50
C THR A 394 -1.94 -1.15 -8.48
N VAL A 395 -1.77 -0.50 -9.61
CA VAL A 395 -0.83 0.59 -9.71
C VAL A 395 -1.18 1.68 -8.71
N LEU A 396 -2.47 2.00 -8.63
CA LEU A 396 -2.92 2.99 -7.67
C LEU A 396 -2.56 2.58 -6.26
N PHE A 397 -2.76 1.31 -5.97
CA PHE A 397 -2.42 0.78 -4.66
C PHE A 397 -0.95 0.99 -4.41
N GLY A 398 -0.15 0.67 -5.43
CA GLY A 398 1.28 0.78 -5.34
C GLY A 398 1.67 2.22 -5.01
N VAL A 399 1.05 3.20 -5.70
CA VAL A 399 1.38 4.60 -5.49
C VAL A 399 1.15 4.96 -4.01
N SER A 400 0.00 4.55 -3.47
CA SER A 400 -0.34 4.81 -2.09
C SER A 400 0.65 4.22 -1.12
N ARG A 401 0.92 2.94 -1.37
CA ARG A 401 1.75 2.19 -0.46
C ARG A 401 3.14 2.76 -0.28
N ALA A 402 3.59 3.52 -1.26
CA ALA A 402 4.90 4.17 -1.18
C ALA A 402 4.97 5.03 0.09
N LEU A 403 3.84 5.66 0.42
CA LEU A 403 3.83 6.52 1.58
C LEU A 403 4.24 5.84 2.88
N GLY A 404 3.63 4.69 3.16
CA GLY A 404 3.92 3.98 4.38
C GLY A 404 5.26 3.31 4.36
N VAL A 405 5.58 2.62 3.31
CA VAL A 405 6.83 1.92 3.37
C VAL A 405 8.04 2.83 3.34
N LEU A 406 7.91 3.96 2.64
CA LEU A 406 9.06 4.84 2.60
C LEU A 406 9.21 5.61 3.90
N ALA A 407 8.13 5.87 4.58
CA ALA A 407 8.22 6.55 5.86
C ALA A 407 8.96 5.64 6.86
N GLN A 408 8.62 4.34 6.86
CA GLN A 408 9.31 3.42 7.76
C GLN A 408 10.78 3.26 7.40
N LEU A 409 11.03 3.16 6.12
CA LEU A 409 12.37 2.98 5.60
C LEU A 409 13.32 4.04 6.17
N ILE A 410 12.84 5.26 6.23
CA ILE A 410 13.71 6.31 6.80
C ILE A 410 14.06 5.95 8.26
N TRP A 411 13.01 5.61 9.00
CA TRP A 411 13.21 5.21 10.39
C TRP A 411 14.10 3.98 10.60
N SER A 412 13.95 2.96 9.73
CA SER A 412 14.77 1.76 9.87
C SER A 412 16.25 2.11 9.83
N ARG A 413 16.61 2.95 8.86
CA ARG A 413 18.01 3.35 8.74
C ARG A 413 18.41 4.34 9.91
N ALA A 414 17.49 5.23 10.30
CA ALA A 414 17.81 6.15 11.39
C ALA A 414 18.15 5.39 12.68
N LEU A 415 17.34 4.34 12.95
CA LEU A 415 17.50 3.51 14.12
C LEU A 415 18.58 2.46 13.99
N GLY A 416 19.21 2.37 12.84
CA GLY A 416 20.27 1.40 12.70
C GLY A 416 19.80 -0.08 12.66
N PHE A 417 18.59 -0.39 12.18
CA PHE A 417 18.12 -1.80 12.12
C PHE A 417 19.09 -2.61 11.26
N PRO A 418 19.50 -3.78 11.71
CA PRO A 418 20.44 -4.57 10.89
C PRO A 418 19.75 -5.42 9.82
N LEU A 419 20.60 -6.11 9.08
CA LEU A 419 20.18 -7.05 8.03
C LEU A 419 19.11 -8.00 8.60
N GLU A 420 18.01 -8.20 7.85
CA GLU A 420 17.00 -9.16 8.28
C GLU A 420 17.51 -10.49 7.80
N ARG A 421 17.75 -11.42 8.71
CA ARG A 421 18.29 -12.68 8.31
C ARG A 421 17.93 -13.75 9.36
N PRO A 422 16.74 -14.34 9.23
CA PRO A 422 16.30 -15.38 10.15
C PRO A 422 16.95 -16.70 9.73
N LYS A 423 16.81 -17.71 10.59
CA LYS A 423 17.34 -19.07 10.31
C LYS A 423 16.27 -19.90 9.62
N SER A 424 16.67 -20.67 8.61
CA SER A 424 15.69 -21.55 8.01
C SER A 424 15.98 -22.99 8.46
N MET A 425 15.03 -23.86 8.14
CA MET A 425 15.14 -25.26 8.48
C MET A 425 14.53 -26.10 7.37
N SER A 426 15.04 -27.32 7.24
CA SER A 426 14.47 -28.29 6.31
C SER A 426 13.46 -29.16 7.07
N THR A 427 12.51 -29.80 6.36
CA THR A 427 11.61 -30.71 7.05
C THR A 427 12.39 -31.80 7.81
N ALA A 428 13.40 -32.37 7.13
CA ALA A 428 14.24 -33.39 7.73
C ALA A 428 14.97 -32.88 8.96
N GLY A 429 15.57 -31.70 8.84
CA GLY A 429 16.26 -31.16 10.01
C GLY A 429 15.32 -30.93 11.18
N LEU A 430 14.16 -30.39 10.85
CA LEU A 430 13.17 -30.13 11.88
C LEU A 430 12.68 -31.43 12.53
N GLU A 431 12.47 -32.48 11.72
CA GLU A 431 12.00 -33.75 12.25
C GLU A 431 13.02 -34.24 13.25
N LYS A 432 14.30 -34.17 12.86
CA LYS A 432 15.36 -34.55 13.76
C LYS A 432 15.34 -33.74 15.06
N LEU A 433 15.24 -32.43 14.91
CA LEU A 433 15.19 -31.55 16.06
C LEU A 433 14.19 -32.01 17.10
N SER A 434 13.14 -32.65 16.66
CA SER A 434 12.11 -33.10 17.56
C SER A 434 12.12 -34.58 17.84
N ALA A 435 12.10 -35.35 16.77
CA ALA A 435 12.04 -36.80 16.73
C ALA A 435 11.44 -37.21 15.38
N GLY A 436 10.52 -36.38 14.89
CA GLY A 436 9.87 -36.62 13.63
C GLY A 436 8.48 -37.17 13.85
N GLY A 437 7.63 -37.06 12.84
CA GLY A 437 6.26 -37.55 12.96
C GLY A 437 5.80 -38.25 11.70
#